data_6FLZ
#
_entry.id   6FLZ
#
_cell.length_a   85.740
_cell.length_b   85.740
_cell.length_c   204.190
_cell.angle_alpha   90.00
_cell.angle_beta   90.00
_cell.angle_gamma   120.00
#
_symmetry.space_group_name_H-M   'P 64 2 2'
#
loop_
_entity.id
_entity.type
_entity.pdbx_description
1 polymer 'Jacalin-like lectin'
2 non-polymer 'methyl alpha-D-mannopyranoside'
3 non-polymer 'CITRIC ACID'
4 water water
#
_entity_poly.entity_id   1
_entity_poly.type   'polypeptide(L)'
_entity_poly.pdbx_seq_one_letter_code
;SGLVKLGLWGGNEGTLQDIDGHPTRLTKIVIRSAHAIDALQFDYVEDGKTFAAGQWGGNGGKSDTIEFQPGEYLIAIKGT
TGALGAVTNLVRSLTFISNMRTYGPFGLEHGTPFSVPVASGRIVAFYGRFGSLVDAFGIYLMPY
;
_entity_poly.pdbx_strand_id   A,B
#
loop_
_chem_comp.id
_chem_comp.type
_chem_comp.name
_chem_comp.formula
CIT non-polymer 'CITRIC ACID' 'C6 H8 O7'
MMA D-saccharide 'methyl alpha-D-mannopyranoside' 'C7 H14 O6'
#
# COMPACT_ATOMS: atom_id res chain seq x y z
N SER A 1 -6.07 6.27 8.81
CA SER A 1 -6.19 6.75 7.42
C SER A 1 -5.28 7.93 7.16
N GLY A 2 -4.08 7.65 6.64
CA GLY A 2 -3.23 8.70 6.10
C GLY A 2 -3.54 8.99 4.65
N LEU A 3 -4.82 9.09 4.30
CA LEU A 3 -5.22 9.34 2.93
C LEU A 3 -5.76 10.75 2.78
N VAL A 4 -5.48 11.36 1.64
CA VAL A 4 -6.15 12.59 1.26
C VAL A 4 -7.47 12.22 0.60
N LYS A 5 -8.54 12.87 1.05
CA LYS A 5 -9.90 12.57 0.59
C LYS A 5 -10.44 13.80 -0.14
N LEU A 6 -10.67 13.67 -1.43
CA LEU A 6 -11.19 14.74 -2.27
C LEU A 6 -12.65 14.48 -2.61
N GLY A 7 -13.45 15.53 -2.58
CA GLY A 7 -14.86 15.43 -2.91
C GLY A 7 -15.66 16.36 -2.02
N LEU A 8 -16.98 16.43 -2.23
CA LEU A 8 -17.68 15.70 -3.29
C LEU A 8 -17.89 16.53 -4.55
N TRP A 9 -17.83 15.87 -5.72
CA TRP A 9 -18.30 16.46 -6.97
C TRP A 9 -19.70 15.93 -7.25
N GLY A 10 -20.65 16.84 -7.45
CA GLY A 10 -22.02 16.47 -7.70
C GLY A 10 -22.98 17.09 -6.70
N GLY A 11 -24.15 16.47 -6.53
CA GLY A 11 -25.23 17.06 -5.79
C GLY A 11 -25.35 16.52 -4.37
N ASN A 12 -26.45 16.90 -3.72
CA ASN A 12 -26.65 16.68 -2.30
C ASN A 12 -27.69 15.60 -1.98
N GLU A 13 -28.23 14.94 -2.99
CA GLU A 13 -29.29 13.97 -2.76
C GLU A 13 -28.68 12.56 -2.73
N GLY A 14 -29.52 11.54 -2.90
CA GLY A 14 -29.08 10.18 -2.63
C GLY A 14 -28.62 10.03 -1.19
N THR A 15 -27.82 8.98 -0.96
CA THR A 15 -27.33 8.64 0.37
C THR A 15 -25.82 8.46 0.33
N LEU A 16 -25.14 9.00 1.33
CA LEU A 16 -23.70 8.86 1.44
C LEU A 16 -23.31 7.39 1.61
N GLN A 17 -22.34 6.95 0.80
CA GLN A 17 -21.73 5.64 0.96
C GLN A 17 -20.23 5.81 0.95
N ASP A 18 -19.53 5.02 1.76
CA ASP A 18 -18.11 5.25 1.99
C ASP A 18 -17.47 3.94 2.41
N ILE A 19 -16.16 3.90 2.30
CA ILE A 19 -15.39 2.71 2.68
C ILE A 19 -15.25 2.65 4.19
N ASP A 20 -14.98 1.44 4.67
CA ASP A 20 -14.65 1.17 6.06
C ASP A 20 -13.36 0.35 6.06
N GLY A 21 -12.24 1.01 5.79
CA GLY A 21 -10.99 0.29 5.68
C GLY A 21 -9.83 1.23 5.41
N HIS A 22 -8.69 0.62 5.10
CA HIS A 22 -7.42 1.33 4.91
C HIS A 22 -6.81 0.86 3.59
N PRO A 23 -7.35 1.30 2.47
CA PRO A 23 -6.89 0.79 1.16
C PRO A 23 -5.51 1.30 0.82
N THR A 24 -4.72 0.42 0.20
CA THR A 24 -3.41 0.78 -0.31
C THR A 24 -3.26 0.49 -1.79
N ARG A 25 -4.27 -0.09 -2.44
CA ARG A 25 -4.18 -0.41 -3.85
C ARG A 25 -5.59 -0.60 -4.41
N LEU A 26 -5.88 0.08 -5.51
CA LEU A 26 -7.11 -0.11 -6.27
C LEU A 26 -6.84 -1.15 -7.36
N THR A 27 -7.63 -2.23 -7.36
CA THR A 27 -7.43 -3.31 -8.32
C THR A 27 -8.49 -3.40 -9.40
N LYS A 28 -9.70 -2.90 -9.18
CA LYS A 28 -10.79 -3.16 -10.11
C LYS A 28 -11.88 -2.12 -9.92
N ILE A 29 -12.49 -1.71 -11.04
CA ILE A 29 -13.67 -0.86 -11.03
C ILE A 29 -14.73 -1.52 -11.91
N VAL A 30 -15.95 -1.60 -11.39
CA VAL A 30 -17.13 -1.93 -12.19
C VAL A 30 -18.04 -0.71 -12.17
N ILE A 31 -18.34 -0.18 -13.35
CA ILE A 31 -19.12 1.04 -13.49
C ILE A 31 -20.34 0.74 -14.36
N ARG A 32 -21.51 1.18 -13.91
CA ARG A 32 -22.73 1.12 -14.70
C ARG A 32 -23.05 2.52 -15.21
N SER A 33 -23.35 2.63 -16.51
CA SER A 33 -23.54 3.96 -17.08
C SER A 33 -24.34 3.89 -18.35
N ALA A 34 -24.88 5.05 -18.73
CA ALA A 34 -25.53 5.27 -20.01
C ALA A 34 -25.55 6.77 -20.29
N HIS A 35 -26.66 7.45 -20.01
CA HIS A 35 -26.69 8.91 -20.10
C HIS A 35 -26.09 9.58 -18.88
N ALA A 36 -25.98 8.87 -17.77
CA ALA A 36 -25.27 9.34 -16.59
C ALA A 36 -24.53 8.15 -15.99
N ILE A 37 -23.96 8.33 -14.80
CA ILE A 37 -23.32 7.22 -14.09
C ILE A 37 -24.37 6.62 -13.16
N ASP A 38 -24.69 5.35 -13.39
CA ASP A 38 -25.71 4.65 -12.62
C ASP A 38 -25.18 4.06 -11.32
N ALA A 39 -23.97 3.48 -11.33
CA ALA A 39 -23.47 2.79 -10.16
C ALA A 39 -21.95 2.64 -10.22
N LEU A 40 -21.34 2.50 -9.03
CA LEU A 40 -19.92 2.23 -8.90
C LEU A 40 -19.69 1.06 -7.96
N GLN A 41 -18.71 0.23 -8.30
CA GLN A 41 -18.24 -0.87 -7.48
C GLN A 41 -16.75 -0.97 -7.70
N PHE A 42 -15.97 -1.20 -6.64
CA PHE A 42 -14.53 -1.32 -6.83
C PHE A 42 -13.95 -2.24 -5.75
N ASP A 43 -12.81 -2.83 -6.09
CA ASP A 43 -12.05 -3.69 -5.20
C ASP A 43 -10.75 -3.00 -4.82
N TYR A 44 -10.35 -3.14 -3.56
CA TYR A 44 -9.10 -2.58 -3.08
C TYR A 44 -8.39 -3.63 -2.22
N VAL A 45 -7.09 -3.41 -2.01
CA VAL A 45 -6.26 -4.30 -1.21
C VAL A 45 -5.93 -3.63 0.11
N GLU A 46 -6.00 -4.40 1.18
CA GLU A 46 -5.61 -3.96 2.52
C GLU A 46 -4.92 -5.13 3.21
N ASP A 47 -3.68 -4.92 3.65
CA ASP A 47 -2.86 -5.97 4.24
C ASP A 47 -2.85 -7.22 3.37
N GLY A 48 -2.77 -7.04 2.06
CA GLY A 48 -2.72 -8.16 1.13
C GLY A 48 -4.04 -8.85 0.86
N LYS A 49 -5.13 -8.41 1.47
CA LYS A 49 -6.45 -8.98 1.26
C LYS A 49 -7.28 -8.07 0.35
N THR A 50 -8.11 -8.68 -0.49
CA THR A 50 -8.97 -7.92 -1.39
C THR A 50 -10.37 -7.78 -0.81
N PHE A 51 -10.86 -6.55 -0.76
CA PHE A 51 -12.20 -6.20 -0.28
C PHE A 51 -12.97 -5.55 -1.40
N ALA A 52 -14.26 -5.84 -1.48
CA ALA A 52 -15.15 -5.25 -2.48
C ALA A 52 -15.96 -4.13 -1.83
N ALA A 53 -15.89 -2.94 -2.39
CA ALA A 53 -16.76 -1.83 -2.00
C ALA A 53 -17.91 -1.72 -3.00
N GLY A 54 -19.09 -1.40 -2.50
CA GLY A 54 -20.27 -1.33 -3.36
C GLY A 54 -20.87 -2.70 -3.58
N GLN A 55 -21.77 -2.85 -4.55
CA GLN A 55 -22.17 -1.81 -5.48
C GLN A 55 -22.93 -0.66 -4.84
N TRP A 56 -22.58 0.55 -5.24
CA TRP A 56 -23.30 1.75 -4.83
C TRP A 56 -24.00 2.34 -6.05
N GLY A 57 -25.31 2.58 -5.92
CA GLY A 57 -26.12 3.06 -7.02
C GLY A 57 -27.06 1.98 -7.53
N GLY A 58 -27.76 2.31 -8.62
CA GLY A 58 -28.82 1.48 -9.14
C GLY A 58 -28.35 0.48 -10.19
N ASN A 59 -29.33 -0.19 -10.80
CA ASN A 59 -29.07 -1.24 -11.77
C ASN A 59 -29.39 -0.82 -13.21
N GLY A 60 -29.51 0.48 -13.46
CA GLY A 60 -29.69 0.97 -14.80
C GLY A 60 -28.40 0.99 -15.59
N GLY A 61 -28.52 1.46 -16.83
CA GLY A 61 -27.40 1.55 -17.76
C GLY A 61 -26.81 0.18 -18.11
N LYS A 62 -25.58 0.22 -18.62
CA LYS A 62 -24.82 -0.95 -18.97
C LYS A 62 -23.53 -0.97 -18.14
N SER A 63 -23.00 -2.17 -17.95
CA SER A 63 -21.84 -2.40 -17.10
C SER A 63 -20.55 -2.42 -17.90
N ASP A 64 -19.49 -1.87 -17.30
CA ASP A 64 -18.13 -2.00 -17.81
C ASP A 64 -17.19 -2.31 -16.66
N THR A 65 -16.20 -3.16 -16.91
CA THR A 65 -15.25 -3.59 -15.89
C THR A 65 -13.86 -3.13 -16.26
N ILE A 66 -13.16 -2.55 -15.29
CA ILE A 66 -11.76 -2.13 -15.44
C ILE A 66 -10.94 -2.96 -14.47
N GLU A 67 -10.05 -3.80 -14.99
CA GLU A 67 -9.16 -4.63 -14.18
C GLU A 67 -7.74 -4.13 -14.39
N PHE A 68 -7.16 -3.52 -13.36
CA PHE A 68 -5.81 -2.98 -13.49
C PHE A 68 -4.77 -4.09 -13.47
N GLN A 69 -3.81 -4.00 -14.37
CA GLN A 69 -2.71 -4.93 -14.43
C GLN A 69 -1.67 -4.60 -13.36
N PRO A 70 -0.83 -5.56 -12.99
CA PRO A 70 0.31 -5.23 -12.13
C PRO A 70 1.14 -4.14 -12.79
N GLY A 71 1.48 -3.11 -12.01
CA GLY A 71 2.21 -2.00 -12.56
C GLY A 71 1.34 -0.92 -13.19
N GLU A 72 0.03 -1.14 -13.28
CA GLU A 72 -0.89 -0.15 -13.82
C GLU A 72 -1.59 0.56 -12.67
N TYR A 73 -1.69 1.89 -12.77
CA TYR A 73 -2.30 2.73 -11.75
C TYR A 73 -2.88 3.96 -12.43
N LEU A 74 -3.86 4.58 -11.77
CA LEU A 74 -4.51 5.76 -12.30
C LEU A 74 -3.60 6.98 -12.16
N ILE A 75 -3.52 7.78 -13.22
CA ILE A 75 -2.82 9.06 -13.19
C ILE A 75 -3.75 10.25 -13.27
N ALA A 76 -5.02 10.05 -13.59
CA ALA A 76 -5.97 11.14 -13.65
C ALA A 76 -7.38 10.59 -13.70
N ILE A 77 -8.32 11.36 -13.17
CA ILE A 77 -9.75 11.11 -13.36
C ILE A 77 -10.37 12.40 -13.82
N LYS A 78 -11.29 12.30 -14.79
CA LYS A 78 -12.09 13.41 -15.26
C LYS A 78 -13.56 13.03 -15.21
N GLY A 79 -14.43 14.03 -15.19
CA GLY A 79 -15.85 13.78 -15.23
C GLY A 79 -16.64 15.04 -15.47
N THR A 80 -17.96 14.90 -15.44
CA THR A 80 -18.88 16.02 -15.54
C THR A 80 -20.06 15.76 -14.61
N THR A 81 -20.60 16.84 -14.04
CA THR A 81 -21.78 16.80 -13.19
C THR A 81 -22.83 17.78 -13.73
N GLY A 82 -24.10 17.51 -13.43
CA GLY A 82 -25.15 18.40 -13.83
C GLY A 82 -26.51 17.74 -13.68
N ALA A 83 -27.53 18.48 -14.11
CA ALA A 83 -28.91 18.02 -13.96
C ALA A 83 -29.23 16.88 -14.93
N LEU A 84 -30.11 15.99 -14.50
CA LEU A 84 -30.70 15.00 -15.40
C LEU A 84 -32.09 14.65 -14.89
N GLY A 85 -33.10 14.81 -15.74
CA GLY A 85 -34.46 14.50 -15.34
C GLY A 85 -34.88 15.32 -14.13
N ALA A 86 -35.35 14.63 -13.10
CA ALA A 86 -35.78 15.28 -11.87
C ALA A 86 -34.64 15.55 -10.88
N VAL A 87 -33.42 15.13 -11.19
CA VAL A 87 -32.30 15.29 -10.27
C VAL A 87 -31.56 16.58 -10.61
N THR A 88 -31.45 17.47 -9.62
CA THR A 88 -30.84 18.78 -9.82
C THR A 88 -29.36 18.68 -10.20
N ASN A 89 -28.62 17.74 -9.62
CA ASN A 89 -27.17 17.69 -9.84
C ASN A 89 -26.66 16.30 -9.52
N LEU A 90 -26.16 15.58 -10.53
CA LEU A 90 -25.59 14.25 -10.34
C LEU A 90 -24.39 14.09 -11.26
N VAL A 91 -23.77 12.90 -11.21
CA VAL A 91 -22.55 12.64 -11.98
C VAL A 91 -22.96 12.13 -13.36
N ARG A 92 -22.65 12.91 -14.39
CA ARG A 92 -23.03 12.60 -15.76
C ARG A 92 -22.01 11.70 -16.46
N SER A 93 -20.73 11.88 -16.18
CA SER A 93 -19.71 11.06 -16.83
C SER A 93 -18.47 10.95 -15.95
N LEU A 94 -17.71 9.90 -16.20
CA LEU A 94 -16.41 9.67 -15.58
C LEU A 94 -15.47 9.06 -16.61
N THR A 95 -14.22 9.52 -16.57
CA THR A 95 -13.13 8.97 -17.37
C THR A 95 -11.98 8.64 -16.44
N PHE A 96 -11.40 7.45 -16.60
CA PHE A 96 -10.30 6.96 -15.77
C PHE A 96 -9.06 6.78 -16.64
N ILE A 97 -8.00 7.53 -16.35
CA ILE A 97 -6.77 7.49 -17.14
C ILE A 97 -5.68 6.84 -16.31
N SER A 98 -5.16 5.72 -16.81
CA SER A 98 -4.05 5.04 -16.17
C SER A 98 -2.75 5.38 -16.90
N ASN A 99 -1.65 4.89 -16.34
CA ASN A 99 -0.36 5.07 -17.00
C ASN A 99 -0.26 4.26 -18.28
N MET A 100 -1.21 3.37 -18.55
CA MET A 100 -1.19 2.57 -19.76
C MET A 100 -2.27 2.93 -20.78
N ARG A 101 -3.49 3.27 -20.36
CA ARG A 101 -4.54 3.57 -21.32
CA ARG A 101 -4.55 3.58 -21.33
C ARG A 101 -5.65 4.38 -20.64
N THR A 102 -6.59 4.82 -21.45
CA THR A 102 -7.75 5.57 -20.99
C THR A 102 -8.97 4.67 -21.01
N TYR A 103 -9.73 4.69 -19.92
CA TYR A 103 -10.99 3.97 -19.81
C TYR A 103 -12.12 4.98 -19.76
N GLY A 104 -13.06 4.88 -20.69
CA GLY A 104 -14.14 5.83 -20.79
C GLY A 104 -13.92 6.80 -21.95
N PRO A 105 -14.68 7.90 -21.98
CA PRO A 105 -15.66 8.31 -20.96
C PRO A 105 -16.86 7.37 -20.81
N PHE A 106 -17.29 7.22 -19.58
CA PHE A 106 -18.54 6.54 -19.25
C PHE A 106 -19.61 7.58 -19.00
N GLY A 107 -20.84 7.29 -19.40
CA GLY A 107 -21.88 8.28 -19.32
C GLY A 107 -21.84 9.21 -20.52
N LEU A 108 -22.28 10.46 -20.32
CA LEU A 108 -22.25 11.49 -21.34
C LEU A 108 -21.58 12.73 -20.78
N GLU A 109 -20.63 13.29 -21.53
CA GLU A 109 -19.85 14.43 -21.06
C GLU A 109 -20.62 15.74 -21.27
N HIS A 110 -21.77 15.81 -20.62
CA HIS A 110 -22.58 17.01 -20.55
C HIS A 110 -22.55 17.53 -19.12
N GLY A 111 -22.67 18.85 -18.98
CA GLY A 111 -22.63 19.49 -17.67
C GLY A 111 -21.29 20.13 -17.37
N THR A 112 -21.05 20.32 -16.07
CA THR A 112 -19.85 21.05 -15.62
C THR A 112 -18.68 20.09 -15.48
N PRO A 113 -17.55 20.35 -16.12
CA PRO A 113 -16.42 19.44 -16.00
C PRO A 113 -15.72 19.57 -14.66
N PHE A 114 -15.08 18.47 -14.25
CA PHE A 114 -14.05 18.50 -13.23
C PHE A 114 -12.93 17.56 -13.66
N SER A 115 -11.75 17.75 -13.06
CA SER A 115 -10.58 16.96 -13.44
C SER A 115 -9.61 16.87 -12.28
N VAL A 116 -9.03 15.68 -12.09
CA VAL A 116 -8.06 15.46 -11.03
C VAL A 116 -6.83 14.81 -11.65
N PRO A 117 -5.90 15.60 -12.19
CA PRO A 117 -4.61 15.04 -12.62
C PRO A 117 -3.71 14.86 -11.40
N VAL A 118 -3.07 13.70 -11.30
CA VAL A 118 -2.24 13.34 -10.16
C VAL A 118 -0.80 13.40 -10.62
N ALA A 119 -0.05 14.38 -10.11
CA ALA A 119 1.38 14.48 -10.41
C ALA A 119 2.20 13.54 -9.51
N SER A 120 1.82 13.40 -8.24
CA SER A 120 2.49 12.46 -7.34
C SER A 120 1.45 11.93 -6.38
N GLY A 121 1.24 10.62 -6.42
CA GLY A 121 0.30 9.98 -5.53
C GLY A 121 -0.34 8.78 -6.22
N ARG A 122 -1.19 8.11 -5.46
CA ARG A 122 -1.92 6.94 -5.95
C ARG A 122 -3.38 7.04 -5.52
N ILE A 123 -4.27 6.85 -6.49
CA ILE A 123 -5.70 6.76 -6.19
C ILE A 123 -5.99 5.33 -5.74
N VAL A 124 -6.55 5.17 -4.55
CA VAL A 124 -6.73 3.85 -3.95
C VAL A 124 -8.19 3.50 -3.66
N ALA A 125 -9.12 4.45 -3.67
CA ALA A 125 -10.52 4.14 -3.36
C ALA A 125 -11.40 5.35 -3.72
N PHE A 126 -12.71 5.16 -3.58
CA PHE A 126 -13.71 6.18 -3.89
C PHE A 126 -14.76 6.20 -2.80
N TYR A 127 -15.57 7.26 -2.79
CA TYR A 127 -16.80 7.32 -2.01
C TYR A 127 -17.79 8.19 -2.80
N GLY A 128 -19.00 8.37 -2.29
CA GLY A 128 -19.93 9.23 -2.97
C GLY A 128 -21.29 9.26 -2.30
N ARG A 129 -22.26 9.81 -3.05
CA ARG A 129 -23.67 9.78 -2.69
C ARG A 129 -24.42 9.07 -3.81
N PHE A 130 -25.37 8.21 -3.42
CA PHE A 130 -25.96 7.26 -4.35
C PHE A 130 -27.43 7.06 -4.03
N GLY A 131 -28.23 6.98 -5.09
CA GLY A 131 -29.60 6.53 -5.00
C GLY A 131 -29.86 5.55 -6.13
N SER A 132 -30.75 5.89 -7.06
CA SER A 132 -30.84 5.13 -8.29
C SER A 132 -29.61 5.36 -9.17
N LEU A 133 -28.94 6.50 -9.01
CA LEU A 133 -27.78 6.88 -9.81
C LEU A 133 -26.68 7.34 -8.86
N VAL A 134 -25.56 7.78 -9.44
CA VAL A 134 -24.47 8.35 -8.67
C VAL A 134 -24.72 9.84 -8.55
N ASP A 135 -25.22 10.26 -7.39
CA ASP A 135 -25.48 11.68 -7.13
C ASP A 135 -24.18 12.47 -7.00
N ALA A 136 -23.15 11.89 -6.38
CA ALA A 136 -21.91 12.60 -6.12
C ALA A 136 -20.77 11.61 -6.00
N PHE A 137 -19.54 12.12 -6.18
CA PHE A 137 -18.37 11.28 -6.35
C PHE A 137 -17.17 11.90 -5.63
N GLY A 138 -16.33 11.05 -5.05
CA GLY A 138 -15.11 11.48 -4.41
C GLY A 138 -14.03 10.42 -4.46
N ILE A 139 -12.81 10.82 -4.11
CA ILE A 139 -11.59 10.05 -4.38
C ILE A 139 -10.71 10.04 -3.13
N TYR A 140 -10.09 8.88 -2.86
CA TYR A 140 -9.05 8.74 -1.85
C TYR A 140 -7.69 8.60 -2.51
N LEU A 141 -6.71 9.39 -2.05
CA LEU A 141 -5.34 9.34 -2.55
C LEU A 141 -4.34 9.10 -1.43
N MET A 142 -3.33 8.33 -1.75
CA MET A 142 -2.19 7.99 -0.92
C MET A 142 -0.94 8.70 -1.47
N PRO A 143 -0.09 9.27 -0.62
CA PRO A 143 1.21 9.74 -1.11
C PRO A 143 1.97 8.60 -1.76
N TYR A 144 2.78 8.92 -2.76
CA TYR A 144 3.57 7.90 -3.45
C TYR A 144 5.03 8.04 -3.10
N SER B 1 8.15 9.27 -1.22
CA SER B 1 8.15 8.42 -0.04
C SER B 1 7.48 9.13 1.15
N GLY B 2 6.20 8.84 1.35
CA GLY B 2 5.52 9.22 2.57
C GLY B 2 5.72 8.16 3.63
N LEU B 3 6.96 7.69 3.77
CA LEU B 3 7.27 6.68 4.77
C LEU B 3 8.11 7.28 5.87
N VAL B 4 7.88 6.83 7.09
CA VAL B 4 8.76 7.10 8.21
C VAL B 4 9.88 6.07 8.18
N LYS B 5 11.11 6.55 8.27
CA LYS B 5 12.30 5.72 8.18
C LYS B 5 13.03 5.79 9.51
N LEU B 6 13.10 4.67 10.22
CA LEU B 6 13.74 4.57 11.51
C LEU B 6 15.06 3.82 11.37
N GLY B 7 16.09 4.29 12.07
CA GLY B 7 17.38 3.64 12.04
C GLY B 7 18.48 4.67 12.06
N LEU B 8 19.74 4.24 12.11
CA LEU B 8 20.13 2.83 12.15
C LEU B 8 20.39 2.32 13.56
N TRP B 9 20.06 1.05 13.81
CA TRP B 9 20.52 0.33 15.00
C TRP B 9 21.70 -0.54 14.62
N GLY B 10 22.81 -0.37 15.33
CA GLY B 10 24.03 -1.11 15.04
C GLY B 10 25.22 -0.21 14.79
N GLY B 11 26.22 -0.73 14.08
CA GLY B 11 27.50 -0.08 13.95
C GLY B 11 27.67 0.63 12.62
N ASN B 12 28.90 1.08 12.38
CA ASN B 12 29.22 2.00 11.30
C ASN B 12 29.98 1.36 10.15
N GLU B 13 30.23 0.05 10.20
CA GLU B 13 31.05 -0.58 9.19
C GLU B 13 30.16 -1.24 8.14
N GLY B 14 30.72 -2.15 7.35
CA GLY B 14 29.99 -2.64 6.20
C GLY B 14 29.65 -1.50 5.23
N THR B 15 28.64 -1.77 4.40
CA THR B 15 28.22 -0.85 3.35
C THR B 15 26.71 -0.63 3.41
N LEU B 16 26.29 0.63 3.27
CA LEU B 16 24.87 0.96 3.24
C LEU B 16 24.18 0.32 2.05
N GLN B 17 23.06 -0.35 2.30
CA GLN B 17 22.18 -0.88 1.26
C GLN B 17 20.75 -0.44 1.57
N ASP B 18 19.99 -0.15 0.53
CA ASP B 18 18.69 0.50 0.70
C ASP B 18 17.81 0.17 -0.50
N ILE B 19 16.51 0.36 -0.32
CA ILE B 19 15.55 0.08 -1.39
C ILE B 19 15.58 1.18 -2.44
N ASP B 20 15.07 0.84 -3.62
CA ASP B 20 14.81 1.76 -4.72
C ASP B 20 13.37 1.53 -5.18
N GLY B 21 12.42 2.02 -4.40
CA GLY B 21 11.01 1.81 -4.72
C GLY B 21 10.11 2.47 -3.72
N HIS B 22 8.81 2.17 -3.83
CA HIS B 22 7.77 2.77 -2.99
C HIS B 22 6.91 1.64 -2.43
N PRO B 23 7.40 0.93 -1.42
CA PRO B 23 6.69 -0.25 -0.91
C PRO B 23 5.42 0.12 -0.14
N THR B 24 4.37 -0.68 -0.36
CA THR B 24 3.14 -0.54 0.41
C THR B 24 2.76 -1.80 1.16
N ARG B 25 3.53 -2.88 1.02
CA ARG B 25 3.21 -4.15 1.66
C ARG B 25 4.48 -4.99 1.72
N LEU B 26 4.80 -5.50 2.91
CA LEU B 26 5.86 -6.48 3.09
C LEU B 26 5.26 -7.88 3.01
N THR B 27 5.76 -8.71 2.08
CA THR B 27 5.19 -10.04 1.90
C THR B 27 6.09 -11.18 2.38
N LYS B 28 7.40 -10.98 2.47
CA LYS B 28 8.29 -12.10 2.73
C LYS B 28 9.63 -11.58 3.26
N ILE B 29 10.18 -12.32 4.23
CA ILE B 29 11.53 -12.07 4.73
C ILE B 29 12.30 -13.39 4.67
N VAL B 30 13.51 -13.34 4.12
CA VAL B 30 14.48 -14.41 4.26
C VAL B 30 15.64 -13.85 5.06
N ILE B 31 15.94 -14.49 6.19
CA ILE B 31 16.98 -14.04 7.10
C ILE B 31 17.96 -15.19 7.28
N ARG B 32 19.26 -14.88 7.19
CA ARG B 32 20.32 -15.83 7.49
C ARG B 32 20.94 -15.46 8.83
N SER B 33 21.16 -16.45 9.70
CA SER B 33 21.61 -16.14 11.05
C SER B 33 22.30 -17.33 11.68
N ALA B 34 23.05 -17.05 12.74
CA ALA B 34 23.66 -18.06 13.59
C ALA B 34 24.05 -17.41 14.92
N HIS B 35 25.32 -17.01 15.06
CA HIS B 35 25.73 -16.26 16.25
C HIS B 35 25.28 -14.80 16.16
N ALA B 36 25.05 -14.30 14.95
CA ALA B 36 24.53 -12.98 14.70
C ALA B 36 23.61 -13.06 13.48
N ILE B 37 23.24 -11.91 12.93
CA ILE B 37 22.46 -11.87 11.70
C ILE B 37 23.43 -11.74 10.52
N ASP B 38 23.40 -12.73 9.64
CA ASP B 38 24.30 -12.78 8.48
C ASP B 38 23.77 -12.00 7.28
N ALA B 39 22.47 -12.08 6.99
CA ALA B 39 21.95 -11.47 5.77
C ALA B 39 20.46 -11.25 5.90
N LEU B 40 19.95 -10.31 5.10
CA LEU B 40 18.53 -10.05 4.97
C LEU B 40 18.12 -9.97 3.50
N GLN B 41 16.95 -10.51 3.21
CA GLN B 41 16.33 -10.39 1.90
C GLN B 41 14.83 -10.29 2.15
N PHE B 42 14.14 -9.44 1.39
CA PHE B 42 12.70 -9.33 1.60
C PHE B 42 12.02 -8.93 0.30
N ASP B 43 10.74 -9.29 0.19
CA ASP B 43 9.90 -8.97 -0.95
C ASP B 43 8.86 -7.95 -0.51
N TYR B 44 8.59 -6.98 -1.38
CA TYR B 44 7.56 -6.00 -1.11
C TYR B 44 6.69 -5.80 -2.36
N VAL B 45 5.52 -5.20 -2.17
CA VAL B 45 4.59 -4.93 -3.28
C VAL B 45 4.57 -3.44 -3.55
N GLU B 46 4.59 -3.10 -4.83
CA GLU B 46 4.48 -1.71 -5.32
C GLU B 46 3.61 -1.73 -6.57
N ASP B 47 2.52 -0.97 -6.55
CA ASP B 47 1.56 -0.96 -7.66
C ASP B 47 1.17 -2.37 -8.11
N GLY B 48 0.98 -3.26 -7.14
CA GLY B 48 0.55 -4.60 -7.44
C GLY B 48 1.63 -5.54 -7.97
N LYS B 49 2.88 -5.09 -8.08
CA LYS B 49 3.99 -5.94 -8.50
C LYS B 49 4.89 -6.26 -7.33
N THR B 50 5.43 -7.47 -7.31
CA THR B 50 6.34 -7.89 -6.26
C THR B 50 7.78 -7.59 -6.65
N PHE B 51 8.52 -6.97 -5.73
CA PHE B 51 9.93 -6.67 -5.91
C PHE B 51 10.74 -7.35 -4.84
N ALA B 52 11.91 -7.86 -5.21
CA ALA B 52 12.82 -8.52 -4.28
C ALA B 52 13.96 -7.57 -3.93
N ALA B 53 14.08 -7.22 -2.66
CA ALA B 53 15.20 -6.45 -2.15
C ALA B 53 16.22 -7.39 -1.51
N GLY B 54 17.49 -7.05 -1.66
CA GLY B 54 18.54 -7.94 -1.16
C GLY B 54 18.78 -9.04 -2.19
N GLN B 55 19.52 -10.10 -1.84
CA GLN B 55 20.06 -10.32 -0.51
C GLN B 55 21.14 -9.31 -0.13
N TRP B 56 21.07 -8.84 1.10
CA TRP B 56 22.09 -7.97 1.67
C TRP B 56 22.77 -8.73 2.80
N GLY B 57 24.09 -8.79 2.75
CA GLY B 57 24.87 -9.56 3.71
C GLY B 57 25.42 -10.82 3.08
N GLY B 58 26.10 -11.61 3.91
CA GLY B 58 26.85 -12.75 3.42
C GLY B 58 26.04 -14.03 3.43
N ASN B 59 26.73 -15.13 3.10
CA ASN B 59 26.07 -16.41 2.92
C ASN B 59 26.35 -17.37 4.08
N GLY B 60 26.81 -16.85 5.22
CA GLY B 60 26.99 -17.67 6.40
C GLY B 60 25.70 -17.94 7.13
N GLY B 61 25.83 -18.70 8.22
CA GLY B 61 24.70 -19.08 9.04
C GLY B 61 23.72 -19.98 8.28
N LYS B 62 22.51 -20.06 8.81
CA LYS B 62 21.44 -20.83 8.21
C LYS B 62 20.28 -19.91 7.86
N SER B 63 19.48 -20.34 6.88
CA SER B 63 18.41 -19.55 6.31
C SER B 63 17.07 -19.88 6.97
N ASP B 64 16.25 -18.85 7.19
CA ASP B 64 14.86 -19.02 7.59
C ASP B 64 14.00 -18.09 6.74
N THR B 65 12.82 -18.57 6.35
CA THR B 65 11.91 -17.81 5.49
C THR B 65 10.63 -17.51 6.25
N ILE B 66 10.21 -16.25 6.18
CA ILE B 66 8.96 -15.80 6.77
C ILE B 66 8.09 -15.36 5.60
N GLU B 67 7.00 -16.07 5.38
CA GLU B 67 6.04 -15.72 4.33
C GLU B 67 4.76 -15.28 5.01
N PHE B 68 4.48 -13.98 4.93
CA PHE B 68 3.29 -13.45 5.58
C PHE B 68 2.05 -13.87 4.80
N GLN B 69 1.05 -14.37 5.52
CA GLN B 69 -0.21 -14.67 4.89
C GLN B 69 -0.97 -13.38 4.62
N PRO B 70 -1.88 -13.39 3.64
CA PRO B 70 -2.82 -12.26 3.50
C PRO B 70 -3.49 -12.00 4.83
N GLY B 71 -3.52 -10.73 5.24
CA GLY B 71 -4.07 -10.33 6.51
C GLY B 71 -3.07 -10.36 7.66
N GLU B 72 -1.85 -10.84 7.44
CA GLU B 72 -0.82 -10.89 8.46
C GLU B 72 0.16 -9.73 8.24
N TYR B 73 0.53 -9.07 9.34
CA TYR B 73 1.43 -7.92 9.26
C TYR B 73 2.19 -7.81 10.58
N LEU B 74 3.36 -7.17 10.51
CA LEU B 74 4.18 -7.00 11.71
C LEU B 74 3.57 -5.95 12.65
N ILE B 75 3.54 -6.27 13.93
CA ILE B 75 3.14 -5.31 14.97
C ILE B 75 4.31 -4.86 15.82
N ALA B 76 5.47 -5.53 15.72
CA ALA B 76 6.65 -5.12 16.48
C ALA B 76 7.89 -5.80 15.91
N ILE B 77 9.03 -5.14 16.07
CA ILE B 77 10.34 -5.74 15.83
C ILE B 77 11.18 -5.47 17.06
N LYS B 78 11.95 -6.48 17.47
CA LYS B 78 12.94 -6.37 18.54
C LYS B 78 14.27 -6.90 18.04
N GLY B 79 15.34 -6.50 18.71
CA GLY B 79 16.66 -7.01 18.36
C GLY B 79 17.68 -6.66 19.41
N THR B 80 18.93 -7.03 19.12
CA THR B 80 20.05 -6.66 19.96
C THR B 80 21.23 -6.35 19.04
N THR B 81 22.06 -5.40 19.45
CA THR B 81 23.28 -5.06 18.75
C THR B 81 24.46 -5.16 19.70
N GLY B 82 25.64 -5.42 19.14
CA GLY B 82 26.84 -5.49 19.94
C GLY B 82 27.97 -6.15 19.19
N ALA B 83 29.05 -6.39 19.91
CA ALA B 83 30.25 -6.94 19.30
C ALA B 83 30.06 -8.40 18.91
N LEU B 84 30.78 -8.80 17.87
CA LEU B 84 30.93 -10.21 17.50
C LEU B 84 32.35 -10.40 16.99
N GLY B 85 33.13 -11.21 17.70
CA GLY B 85 34.48 -11.48 17.24
C GLY B 85 35.23 -10.18 17.07
N ALA B 86 35.73 -9.96 15.86
CA ALA B 86 36.50 -8.76 15.52
C ALA B 86 35.64 -7.56 15.15
N VAL B 87 34.33 -7.70 15.07
CA VAL B 87 33.44 -6.60 14.67
C VAL B 87 32.94 -5.88 15.93
N THR B 88 33.18 -4.57 16.00
CA THR B 88 32.88 -3.80 17.20
C THR B 88 31.39 -3.73 17.49
N ASN B 89 30.54 -3.60 16.46
CA ASN B 89 29.13 -3.38 16.72
C ASN B 89 28.32 -3.77 15.50
N LEU B 90 27.52 -4.84 15.62
CA LEU B 90 26.68 -5.31 14.54
C LEU B 90 25.36 -5.83 15.13
N VAL B 91 24.49 -6.34 14.26
CA VAL B 91 23.17 -6.81 14.67
C VAL B 91 23.32 -8.27 15.09
N ARG B 92 23.13 -8.53 16.38
CA ARG B 92 23.27 -9.87 16.94
C ARG B 92 22.00 -10.69 16.84
N SER B 93 20.83 -10.06 16.95
CA SER B 93 19.59 -10.79 16.86
C SER B 93 18.47 -9.88 16.36
N LEU B 94 17.45 -10.50 15.77
CA LEU B 94 16.23 -9.83 15.36
C LEU B 94 15.05 -10.74 15.66
N THR B 95 13.95 -10.14 16.12
CA THR B 95 12.69 -10.84 16.34
C THR B 95 11.59 -10.07 15.62
N PHE B 96 10.75 -10.79 14.86
CA PHE B 96 9.66 -10.20 14.08
C PHE B 96 8.34 -10.72 14.63
N ILE B 97 7.52 -9.81 15.14
CA ILE B 97 6.25 -10.16 15.79
C ILE B 97 5.13 -9.69 14.88
N SER B 98 4.32 -10.64 14.39
CA SER B 98 3.14 -10.32 13.60
C SER B 98 1.90 -10.38 14.48
N ASN B 99 0.77 -10.02 13.88
CA ASN B 99 -0.52 -10.15 14.55
C ASN B 99 -0.93 -11.60 14.74
N MET B 100 -0.20 -12.55 14.16
CA MET B 100 -0.51 -13.97 14.27
C MET B 100 0.52 -14.77 15.08
N ARG B 101 1.81 -14.47 15.00
CA ARG B 101 2.80 -15.23 15.74
CA ARG B 101 2.80 -15.23 15.74
C ARG B 101 4.10 -14.46 15.79
N THR B 102 5.07 -15.01 16.52
CA THR B 102 6.40 -14.45 16.65
C THR B 102 7.36 -15.28 15.82
N TYR B 103 8.21 -14.61 15.05
CA TYR B 103 9.27 -15.26 14.29
C TYR B 103 10.60 -14.87 14.90
N GLY B 104 11.36 -15.88 15.34
CA GLY B 104 12.60 -15.63 16.04
C GLY B 104 12.49 -15.83 17.54
N PRO B 105 13.49 -15.38 18.31
CA PRO B 105 14.65 -14.62 17.83
C PRO B 105 15.57 -15.37 16.89
N PHE B 106 16.07 -14.67 15.90
CA PHE B 106 17.15 -15.14 15.04
C PHE B 106 18.45 -14.54 15.55
N GLY B 107 19.54 -15.31 15.43
CA GLY B 107 20.79 -14.90 16.03
C GLY B 107 20.84 -15.22 17.51
N LEU B 108 21.60 -14.42 18.26
CA LEU B 108 21.73 -14.58 19.69
C LEU B 108 21.47 -13.25 20.37
N GLU B 109 20.64 -13.25 21.41
CA GLU B 109 20.22 -12.03 22.08
C GLU B 109 21.28 -11.59 23.11
N HIS B 110 22.46 -11.29 22.58
CA HIS B 110 23.54 -10.72 23.36
C HIS B 110 23.72 -9.26 22.95
N GLY B 111 24.07 -8.42 23.90
CA GLY B 111 24.29 -7.02 23.63
C GLY B 111 23.13 -6.14 24.05
N THR B 112 23.08 -4.95 23.44
CA THR B 112 22.12 -3.92 23.82
C THR B 112 20.80 -4.13 23.10
N PRO B 113 19.68 -4.21 23.81
CA PRO B 113 18.40 -4.40 23.13
C PRO B 113 17.88 -3.13 22.48
N PHE B 114 17.06 -3.33 21.45
CA PHE B 114 16.19 -2.27 20.95
C PHE B 114 14.83 -2.90 20.65
N SER B 115 13.81 -2.05 20.57
CA SER B 115 12.45 -2.55 20.39
C SER B 115 11.62 -1.49 19.70
N VAL B 116 10.81 -1.92 18.74
CA VAL B 116 9.95 -1.01 17.99
C VAL B 116 8.53 -1.58 18.01
N PRO B 117 7.74 -1.33 19.06
CA PRO B 117 6.32 -1.70 19.02
C PRO B 117 5.54 -0.66 18.21
N VAL B 118 4.69 -1.14 17.31
CA VAL B 118 3.93 -0.28 16.41
C VAL B 118 2.48 -0.28 16.89
N ALA B 119 2.03 0.86 17.41
CA ALA B 119 0.65 0.99 17.82
C ALA B 119 -0.27 1.32 16.64
N SER B 120 0.21 2.12 15.68
CA SER B 120 -0.55 2.42 14.48
C SER B 120 0.43 2.63 13.34
N GLY B 121 0.33 1.79 12.33
CA GLY B 121 1.20 1.88 11.17
C GLY B 121 1.46 0.49 10.61
N ARG B 122 2.21 0.47 9.51
CA ARG B 122 2.58 -0.78 8.85
C ARG B 122 4.06 -0.75 8.50
N ILE B 123 4.76 -1.82 8.85
CA ILE B 123 6.15 -2.00 8.45
C ILE B 123 6.16 -2.56 7.04
N VAL B 124 6.82 -1.86 6.10
CA VAL B 124 6.74 -2.23 4.69
C VAL B 124 8.09 -2.56 4.07
N ALA B 125 9.21 -2.24 4.71
CA ALA B 125 10.53 -2.48 4.11
C ALA B 125 11.60 -2.24 5.18
N PHE B 126 12.85 -2.51 4.79
CA PHE B 126 14.03 -2.37 5.65
C PHE B 126 15.17 -1.76 4.85
N TYR B 127 16.19 -1.33 5.58
CA TYR B 127 17.50 -1.00 5.00
C TYR B 127 18.54 -1.32 6.07
N GLY B 128 19.81 -1.08 5.76
CA GLY B 128 20.83 -1.33 6.76
C GLY B 128 22.22 -1.12 6.19
N ARG B 129 23.20 -1.59 6.97
CA ARG B 129 24.59 -1.68 6.54
C ARG B 129 25.02 -3.14 6.58
N PHE B 130 25.78 -3.57 5.58
CA PHE B 130 26.05 -4.97 5.35
C PHE B 130 27.48 -5.16 4.86
N GLY B 131 28.12 -6.20 5.37
CA GLY B 131 29.38 -6.69 4.84
C GLY B 131 29.25 -8.19 4.71
N SER B 132 30.09 -8.95 5.41
CA SER B 132 29.82 -10.39 5.53
CA SER B 132 29.82 -10.39 5.54
C SER B 132 28.60 -10.65 6.40
N LEU B 133 28.20 -9.68 7.23
CA LEU B 133 27.10 -9.80 8.16
C LEU B 133 26.26 -8.53 8.10
N VAL B 134 25.24 -8.47 8.96
CA VAL B 134 24.38 -7.29 9.08
C VAL B 134 24.99 -6.37 10.13
N ASP B 135 25.68 -5.33 9.68
CA ASP B 135 26.28 -4.34 10.58
C ASP B 135 25.23 -3.45 11.23
N ALA B 136 24.17 -3.08 10.50
CA ALA B 136 23.18 -2.16 11.03
C ALA B 136 21.85 -2.39 10.32
N PHE B 137 20.77 -1.93 10.97
CA PHE B 137 19.43 -2.30 10.58
C PHE B 137 18.49 -1.11 10.76
N GLY B 138 17.54 -0.96 9.83
CA GLY B 138 16.54 0.10 9.92
C GLY B 138 15.25 -0.33 9.26
N ILE B 139 14.19 0.47 9.49
CA ILE B 139 12.82 0.09 9.22
C ILE B 139 12.09 1.22 8.51
N TYR B 140 11.27 0.87 7.51
CA TYR B 140 10.34 1.79 6.88
C TYR B 140 8.92 1.53 7.34
N LEU B 141 8.22 2.58 7.76
CA LEU B 141 6.82 2.47 8.19
C LEU B 141 5.92 3.41 7.40
N MET B 142 4.74 2.92 7.11
CA MET B 142 3.65 3.60 6.46
C MET B 142 2.56 3.91 7.49
N PRO B 143 1.97 5.10 7.49
CA PRO B 143 0.79 5.32 8.35
C PRO B 143 -0.30 4.33 7.96
N TYR B 144 -1.10 3.96 8.95
CA TYR B 144 -2.19 3.01 8.71
C TYR B 144 -3.54 3.71 8.72
C1 MMA C . -30.72 5.43 -19.81
C2 MMA C . -31.02 4.04 -19.26
C3 MMA C . -31.27 4.06 -17.80
C4 MMA C . -30.19 4.81 -17.05
C5 MMA C . -30.01 6.23 -17.57
C6 MMA C . -28.92 6.94 -16.79
C7 MMA C . -31.85 7.43 -20.27
O1 MMA C . -31.90 6.11 -19.78
O2 MMA C . -29.92 3.13 -19.54
O3 MMA C . -31.36 2.70 -17.33
O4 MMA C . -30.56 4.87 -15.68
O5 MMA C . -29.68 6.19 -19.01
O6 MMA C . -27.65 6.46 -17.15
H1 MMA C . -30.42 5.34 -20.73
H2 MMA C . -31.81 3.70 -19.70
H3 MMA C . -32.11 4.52 -17.63
H4 MMA C . -29.35 4.32 -17.14
H5 MMA C . -30.84 6.71 -17.46
H61 MMA C . -28.97 7.89 -16.97
H62 MMA C . -29.06 6.79 -15.84
H71 MMA C . -31.59 7.41 -21.21
H72 MMA C . -32.72 7.84 -20.18
H73 MMA C . -31.19 7.93 -19.77
HO2 MMA C . -29.21 3.46 -19.22
HO3 MMA C . -32.15 2.41 -17.42
HO4 MMA C . -31.20 5.41 -15.59
HO6 MMA C . -27.47 6.69 -17.95
C1 MMA D . -33.53 8.39 -6.06
C2 MMA D . -33.24 9.08 -4.73
C3 MMA D . -32.68 10.45 -4.93
C4 MMA D . -31.50 10.47 -5.85
C5 MMA D . -31.77 9.73 -7.17
C6 MMA D . -30.50 9.62 -7.98
C7 MMA D . -34.78 8.75 -8.02
O1 MMA D . -34.56 9.05 -6.67
O2 MMA D . -32.30 8.26 -4.01
O3 MMA D . -32.30 11.01 -3.64
O4 MMA D . -31.16 11.83 -6.13
O5 MMA D . -32.31 8.38 -6.94
O6 MMA D . -29.59 8.77 -7.34
H1 MMA D . -33.80 7.47 -5.88
H2 MMA D . -34.06 9.15 -4.23
H3 MMA D . -33.38 11.01 -5.32
H4 MMA D . -30.75 10.05 -5.40
H5 MMA D . -32.42 10.25 -7.67
H61 MMA D . -30.73 9.25 -8.85
H62 MMA D . -30.12 10.50 -8.09
H71 MMA D . -35.02 7.81 -8.12
H72 MMA D . -35.51 9.30 -8.37
H73 MMA D . -33.97 8.93 -8.53
HO2 MMA D . -32.57 8.17 -3.22
HO3 MMA D . -32.51 10.47 -3.02
HO4 MMA D . -30.61 12.12 -5.55
HO6 MMA D . -29.35 9.11 -6.60
C1 CIT E . -30.06 13.26 -22.39
O1 CIT E . -28.92 13.01 -21.98
O2 CIT E . -30.99 12.46 -22.15
C2 CIT E . -30.38 14.51 -23.18
C3 CIT E . -29.20 15.47 -23.22
O7 CIT E . -28.11 14.78 -23.90
C4 CIT E . -29.58 16.73 -24.00
C5 CIT E . -28.32 17.46 -24.43
O3 CIT E . -27.73 18.21 -23.63
O4 CIT E . -27.88 17.34 -25.60
C6 CIT E . -28.74 15.84 -21.82
O5 CIT E . -27.55 15.67 -21.48
O6 CIT E . -29.55 16.32 -20.99
H21 CIT E . -30.66 14.24 -24.19
H22 CIT E . -31.23 15.01 -22.73
HO7 CIT E . -27.35 14.72 -23.29
H41 CIT E . -30.18 17.38 -23.37
H42 CIT E . -30.16 16.46 -24.88
C1 MMA F . 33.41 -7.57 6.77
C2 MMA F . 33.53 -6.09 6.45
C3 MMA F . 33.26 -5.24 7.64
C4 MMA F . 31.96 -5.59 8.30
C5 MMA F . 31.82 -7.09 8.58
C6 MMA F . 30.43 -7.37 9.08
C7 MMA F . 34.40 -9.25 8.06
O1 MMA F . 34.40 -7.91 7.66
O2 MMA F . 32.60 -5.77 5.41
O3 MMA F . 33.22 -3.85 7.22
O4 MMA F . 31.86 -4.90 9.55
O5 MMA F . 32.07 -7.89 7.37
O6 MMA F . 29.50 -7.27 8.02
H1 MMA F . 33.52 -8.08 5.95
H2 MMA F . 34.43 -5.92 6.13
H3 MMA F . 33.98 -5.37 8.28
H4 MMA F . 31.23 -5.32 7.72
H5 MMA F . 32.47 -7.34 9.26
H61 MMA F . 30.40 -8.27 9.45
H62 MMA F . 30.20 -6.73 9.77
H71 MMA F . 34.55 -9.83 7.30
H72 MMA F . 35.09 -9.39 8.72
H73 MMA F . 33.54 -9.47 8.46
HO2 MMA F . 32.84 -5.06 5.01
HO3 MMA F . 32.83 -3.78 6.48
HO4 MMA F . 31.52 -4.13 9.41
HO6 MMA F . 28.99 -6.62 8.16
C1 CIT G . 14.08 -4.61 -8.69
O1 CIT G . 13.65 -5.47 -9.49
O2 CIT G . 14.55 -3.55 -9.16
C2 CIT G . 13.98 -4.86 -7.21
C3 CIT G . 14.44 -3.65 -6.38
O7 CIT G . 13.59 -2.52 -6.73
C4 CIT G . 14.33 -3.94 -4.91
C5 CIT G . 14.72 -2.71 -4.11
O3 CIT G . 15.86 -2.65 -3.61
O4 CIT G . 13.93 -1.75 -3.97
C6 CIT G . 15.89 -3.32 -6.71
O5 CIT G . 16.75 -4.22 -6.73
O6 CIT G . 16.23 -2.14 -6.98
H21 CIT G . 12.95 -5.09 -6.95
H22 CIT G . 14.60 -5.71 -6.95
HO7 CIT G . 14.14 -1.79 -7.09
H41 CIT G . 14.98 -4.77 -4.64
H42 CIT G . 13.31 -4.22 -4.66
C1 CIT H . 29.54 -16.16 19.66
O1 CIT H . 28.38 -16.51 19.93
O2 CIT H . 29.96 -16.36 18.50
C2 CIT H . 30.45 -15.54 20.69
C3 CIT H . 29.87 -15.60 22.11
O7 CIT H . 30.89 -15.15 23.03
C4 CIT H . 28.65 -14.72 22.26
C5 CIT H . 29.07 -13.31 22.62
O3 CIT H . 30.26 -13.06 22.91
O4 CIT H . 28.23 -12.38 22.62
C6 CIT H . 29.49 -17.03 22.47
O5 CIT H . 28.84 -17.27 23.52
O6 CIT H . 29.83 -17.98 21.75
H21 CIT H . 30.62 -14.48 20.43
H22 CIT H . 31.42 -16.03 20.67
HO7 CIT H . 31.09 -15.87 23.67
H41 CIT H . 28.01 -15.12 23.05
H42 CIT H . 28.08 -14.71 21.34
#